data_9DSU
#
_entry.id   9DSU
#
_cell.length_a   71.996
_cell.length_b   80.700
_cell.length_c   99.377
_cell.angle_alpha   90.00
_cell.angle_beta   90.00
_cell.angle_gamma   90.00
#
_symmetry.space_group_name_H-M   'P 21 21 21'
#
loop_
_entity.id
_entity.type
_entity.pdbx_description
1 polymer 'Light Chain of Fab 7088'
2 polymer 'Heavy chain of Fab 7088'
3 polymer 'Circumsporozoite protein'
#
loop_
_entity_poly.entity_id
_entity_poly.type
_entity_poly.pdbx_seq_one_letter_code
_entity_poly.pdbx_strand_id
1 'polypeptide(L)'
;GVQMTQSPSTLSASVGDRVTLTCRASQSISSWLAWYQQKPGKAPKLLIYDASSLESGVPSRFSGSGSGTEFTLTISSLQP
DDFATYYCQQYNSYSFWTFGQGTKVEIKRTVAAPSVFIFPPSDEQLKSGTASVVCLLNNFYPREAKVQWKVDNALQSGNS
QESVTEQDSKDSTYSLSSTLTLSKADYEKHKVYACEVTHQGLSSPVTKSFNRGEC
;
B
2 'polypeptide(L)'
;QVQLVESGGGVVQPGRSLRLSCAASGFAFNTYGMHWVRQTPGKGLEWVAIIWYDGSQKYYADSVQGRFIISRDNHKNTLS
LQMNGLRAEDTAVYFCVRVRFSVGPHGSAFDLWGQGTMVIVSSASTKGPSVFPLAPSSKSTSGGTAALGCLVKDYFPEPV
TVSWNSGALTSGVHTFPAVLQSSGLYSLSSVVTVPSSSLGTQTYICNVNHKPSNTKVDKKVEPKSCD
;
C
3 'polypeptide(L)' KQPADGNPDPNANPNV A
#
# COMPACT_ATOMS: atom_id res chain seq x y z
N VAL A 2 -21.42 2.94 0.36
CA VAL A 2 -20.85 4.00 1.18
C VAL A 2 -19.38 4.16 0.88
N GLN A 3 -18.91 5.40 0.81
CA GLN A 3 -17.50 5.72 0.61
C GLN A 3 -16.93 6.26 1.91
N MET A 4 -15.93 5.57 2.45
CA MET A 4 -15.29 5.98 3.69
C MET A 4 -14.05 6.80 3.38
N THR A 5 -14.03 8.04 3.87
CA THR A 5 -12.91 8.95 3.67
C THR A 5 -12.27 9.24 5.03
N GLN A 6 -10.97 9.00 5.12
CA GLN A 6 -10.22 9.21 6.35
C GLN A 6 -9.26 10.38 6.17
N SER A 7 -9.34 11.35 7.08
CA SER A 7 -8.47 12.51 7.04
C SER A 7 -7.81 12.71 8.40
N PRO A 8 -6.50 13.01 8.43
CA PRO A 8 -5.59 13.17 7.29
C PRO A 8 -5.13 11.82 6.73
N SER A 9 -4.56 11.81 5.53
CA SER A 9 -4.04 10.56 4.99
C SER A 9 -2.90 10.01 5.84
N THR A 10 -2.02 10.89 6.31
CA THR A 10 -0.92 10.51 7.20
C THR A 10 -0.69 11.62 8.21
N LEU A 11 -0.37 11.24 9.44
CA LEU A 11 -0.24 12.17 10.55
C LEU A 11 0.99 11.83 11.37
N SER A 12 1.76 12.85 11.72
CA SER A 12 2.94 12.68 12.56
C SER A 12 2.58 12.91 14.02
N ALA A 13 3.17 12.10 14.89
CA ALA A 13 2.91 12.18 16.32
C ALA A 13 4.14 11.72 17.09
N SER A 14 4.07 11.86 18.41
CA SER A 14 5.15 11.47 19.30
C SER A 14 4.60 10.57 20.40
N VAL A 15 5.50 10.01 21.20
CA VAL A 15 5.11 9.12 22.28
C VAL A 15 4.43 9.92 23.38
N GLY A 16 3.25 9.46 23.80
CA GLY A 16 2.49 10.13 24.84
C GLY A 16 1.47 11.13 24.34
N ASP A 17 1.45 11.43 23.04
CA ASP A 17 0.51 12.39 22.49
C ASP A 17 -0.90 11.80 22.45
N ARG A 18 -1.89 12.69 22.43
CA ARG A 18 -3.28 12.30 22.25
C ARG A 18 -3.63 12.44 20.77
N VAL A 19 -4.02 11.32 20.15
CA VAL A 19 -4.26 11.24 18.73
C VAL A 19 -5.75 11.06 18.48
N THR A 20 -6.31 11.89 17.60
CA THR A 20 -7.71 11.81 17.24
C THR A 20 -7.82 11.72 15.73
N LEU A 21 -8.18 10.54 15.22
CA LEU A 21 -8.32 10.27 13.80
C LEU A 21 -9.79 10.36 13.42
N THR A 22 -10.11 11.19 12.43
CA THR A 22 -11.48 11.44 12.02
C THR A 22 -11.82 10.57 10.80
N CYS A 23 -12.96 9.88 10.89
CA CYS A 23 -13.46 9.04 9.80
C CYS A 23 -14.83 9.57 9.39
N ARG A 24 -15.02 9.75 8.09
CA ARG A 24 -16.27 10.28 7.54
C ARG A 24 -16.85 9.28 6.55
N ALA A 25 -18.15 9.04 6.65
CA ALA A 25 -18.88 8.23 5.69
C ALA A 25 -19.70 9.13 4.78
N SER A 26 -19.73 8.79 3.49
CA SER A 26 -20.53 9.57 2.54
C SER A 26 -22.01 9.52 2.90
N GLN A 27 -22.50 8.34 3.26
CA GLN A 27 -23.87 8.16 3.72
C GLN A 27 -23.88 8.01 5.24
N SER A 28 -25.06 7.71 5.78
CA SER A 28 -25.21 7.46 7.21
C SER A 28 -25.18 5.97 7.47
N ILE A 29 -24.31 5.54 8.39
CA ILE A 29 -24.12 4.13 8.69
C ILE A 29 -24.47 3.81 10.14
N SER A 30 -25.18 4.72 10.81
CA SER A 30 -25.58 4.57 12.22
C SER A 30 -24.30 4.36 13.02
N SER A 31 -24.22 3.33 13.87
CA SER A 31 -23.00 3.03 14.63
C SER A 31 -22.39 1.70 14.22
N TRP A 32 -22.56 1.31 12.96
CA TRP A 32 -21.95 0.09 12.44
C TRP A 32 -20.63 0.42 11.75
N LEU A 33 -19.66 0.82 12.57
CA LEU A 33 -18.33 1.17 12.09
C LEU A 33 -17.27 0.46 12.92
N ALA A 34 -16.19 0.05 12.26
CA ALA A 34 -15.12 -0.69 12.90
C ALA A 34 -13.79 0.01 12.66
N TRP A 35 -12.91 -0.05 13.65
CA TRP A 35 -11.57 0.51 13.58
C TRP A 35 -10.54 -0.61 13.61
N TYR A 36 -9.48 -0.46 12.82
CA TYR A 36 -8.45 -1.47 12.68
C TYR A 36 -7.07 -0.83 12.80
N GLN A 37 -6.10 -1.65 13.18
CA GLN A 37 -4.69 -1.28 13.22
C GLN A 37 -3.89 -2.29 12.43
N GLN A 38 -3.10 -1.82 11.47
CA GLN A 38 -2.31 -2.70 10.62
C GLN A 38 -0.86 -2.25 10.60
N LYS A 39 0.04 -3.08 11.12
CA LYS A 39 1.45 -2.86 10.97
C LYS A 39 1.90 -3.25 9.56
N PRO A 40 2.99 -2.68 9.06
CA PRO A 40 3.46 -3.04 7.72
C PRO A 40 3.78 -4.53 7.62
N GLY A 41 3.21 -5.17 6.60
CA GLY A 41 3.44 -6.58 6.37
C GLY A 41 2.64 -7.51 7.26
N LYS A 42 1.76 -6.99 8.10
CA LYS A 42 1.02 -7.78 9.06
C LYS A 42 -0.47 -7.73 8.75
N ALA A 43 -1.21 -8.69 9.32
CA ALA A 43 -2.65 -8.72 9.15
C ALA A 43 -3.30 -7.58 9.93
N PRO A 44 -4.43 -7.07 9.46
CA PRO A 44 -5.17 -6.07 10.23
C PRO A 44 -5.61 -6.63 11.57
N LYS A 45 -5.60 -5.77 12.59
CA LYS A 45 -5.96 -6.13 13.95
C LYS A 45 -7.12 -5.27 14.40
N LEU A 46 -8.26 -5.89 14.70
CA LEU A 46 -9.44 -5.15 15.09
C LEU A 46 -9.22 -4.46 16.44
N LEU A 47 -9.66 -3.19 16.52
CA LEU A 47 -9.55 -2.41 17.74
C LEU A 47 -10.90 -2.09 18.35
N ILE A 48 -11.81 -1.50 17.59
CA ILE A 48 -13.10 -1.06 18.11
C ILE A 48 -14.20 -1.46 17.12
N TYR A 49 -15.23 -2.12 17.63
CA TYR A 49 -16.42 -2.43 16.85
C TYR A 49 -17.60 -1.64 17.40
N ASP A 50 -18.63 -1.49 16.57
CA ASP A 50 -19.82 -0.70 16.85
C ASP A 50 -19.51 0.78 17.07
N ALA A 51 -18.34 1.25 16.65
CA ALA A 51 -17.83 2.62 16.74
C ALA A 51 -17.66 3.13 18.18
N SER A 52 -18.13 2.40 19.19
CA SER A 52 -17.84 2.82 20.56
C SER A 52 -17.47 1.66 21.48
N SER A 53 -17.38 0.43 20.98
CA SER A 53 -17.17 -0.73 21.83
C SER A 53 -15.78 -1.30 21.62
N LEU A 54 -15.02 -1.45 22.70
CA LEU A 54 -13.66 -1.93 22.61
C LEU A 54 -13.62 -3.44 22.40
N GLU A 55 -12.63 -3.89 21.64
CA GLU A 55 -12.42 -5.31 21.37
C GLU A 55 -11.55 -5.92 22.46
N SER A 56 -11.78 -7.20 22.74
CA SER A 56 -11.04 -7.91 23.78
C SER A 56 -9.55 -7.87 23.49
N GLY A 57 -8.76 -7.52 24.50
CA GLY A 57 -7.33 -7.45 24.38
C GLY A 57 -6.78 -6.08 24.02
N VAL A 58 -7.61 -5.20 23.48
CA VAL A 58 -7.15 -3.86 23.10
C VAL A 58 -6.93 -3.04 24.37
N PRO A 59 -5.82 -2.33 24.50
CA PRO A 59 -5.59 -1.51 25.70
C PRO A 59 -6.58 -0.37 25.80
N SER A 60 -6.78 0.09 27.05
CA SER A 60 -7.77 1.11 27.32
C SER A 60 -7.46 2.45 26.68
N ARG A 61 -6.22 2.67 26.25
CA ARG A 61 -5.87 3.95 25.62
C ARG A 61 -6.63 4.18 24.32
N PHE A 62 -7.10 3.13 23.67
CA PHE A 62 -7.87 3.26 22.45
C PHE A 62 -9.35 3.44 22.80
N SER A 63 -9.93 4.54 22.33
CA SER A 63 -11.34 4.84 22.56
C SER A 63 -11.96 5.31 21.25
N GLY A 64 -13.24 5.00 21.08
CA GLY A 64 -13.93 5.34 19.85
C GLY A 64 -15.30 5.92 20.16
N SER A 65 -15.75 6.82 19.28
CA SER A 65 -17.03 7.48 19.45
C SER A 65 -17.53 7.95 18.09
N GLY A 66 -18.81 8.30 18.05
CA GLY A 66 -19.41 8.81 16.83
C GLY A 66 -20.55 7.97 16.32
N SER A 67 -21.42 8.57 15.52
CA SER A 67 -22.54 7.87 14.92
C SER A 67 -22.98 8.62 13.67
N GLY A 68 -23.74 7.93 12.82
CA GLY A 68 -24.21 8.53 11.59
C GLY A 68 -23.14 8.59 10.52
N THR A 69 -22.62 9.79 10.25
CA THR A 69 -21.61 9.98 9.23
C THR A 69 -20.24 10.33 9.79
N GLU A 70 -20.15 10.88 10.99
CA GLU A 70 -18.90 11.32 11.58
C GLU A 70 -18.48 10.38 12.69
N PHE A 71 -17.23 9.93 12.64
CA PHE A 71 -16.66 9.03 13.64
C PHE A 71 -15.26 9.49 13.97
N THR A 72 -14.81 9.13 15.18
CA THR A 72 -13.47 9.49 15.63
C THR A 72 -12.85 8.33 16.41
N LEU A 73 -11.57 8.06 16.13
CA LEU A 73 -10.77 7.14 16.90
C LEU A 73 -9.77 7.95 17.73
N THR A 74 -9.75 7.71 19.03
CA THR A 74 -8.94 8.49 19.96
C THR A 74 -7.97 7.58 20.69
N ILE A 75 -6.71 8.01 20.76
CA ILE A 75 -5.69 7.36 21.56
C ILE A 75 -5.28 8.35 22.64
N SER A 76 -5.53 7.98 23.91
CA SER A 76 -5.25 8.90 25.02
C SER A 76 -3.77 9.21 25.11
N SER A 77 -2.93 8.19 25.06
CA SER A 77 -1.48 8.36 25.12
C SER A 77 -0.84 7.39 24.14
N LEU A 78 -0.13 7.93 23.15
CA LEU A 78 0.48 7.10 22.13
C LEU A 78 1.62 6.28 22.72
N GLN A 79 1.85 5.11 22.13
CA GLN A 79 2.85 4.16 22.59
C GLN A 79 3.73 3.77 21.40
N PRO A 80 4.95 3.30 21.66
CA PRO A 80 5.85 2.94 20.54
C PRO A 80 5.26 1.88 19.62
N ASP A 81 4.49 0.93 20.15
CA ASP A 81 3.86 -0.11 19.34
C ASP A 81 2.50 0.31 18.79
N ASP A 82 2.23 1.62 18.71
CA ASP A 82 1.00 2.12 18.10
C ASP A 82 1.22 2.76 16.74
N PHE A 83 2.46 2.95 16.33
CA PHE A 83 2.75 3.54 15.01
C PHE A 83 2.37 2.54 13.93
N ALA A 84 1.23 2.77 13.30
CA ALA A 84 0.72 1.88 12.26
C ALA A 84 -0.31 2.66 11.44
N THR A 85 -1.02 1.95 10.56
CA THR A 85 -2.06 2.54 9.74
C THR A 85 -3.42 2.08 10.25
N TYR A 86 -4.31 3.03 10.47
CA TYR A 86 -5.62 2.77 11.05
C TYR A 86 -6.70 2.90 9.98
N TYR A 87 -7.60 1.93 9.92
CA TYR A 87 -8.68 1.89 8.94
C TYR A 87 -10.03 1.90 9.63
N CYS A 88 -10.99 2.59 9.03
CA CYS A 88 -12.38 2.55 9.47
C CYS A 88 -13.23 1.94 8.38
N GLN A 89 -14.17 1.08 8.78
CA GLN A 89 -14.97 0.29 7.85
C GLN A 89 -16.43 0.31 8.25
N GLN A 90 -17.31 0.41 7.25
CA GLN A 90 -18.75 0.45 7.47
C GLN A 90 -19.37 -0.90 7.12
N TYR A 91 -20.34 -1.32 7.92
CA TYR A 91 -21.05 -2.58 7.68
C TYR A 91 -22.54 -2.42 7.98
N ASN A 92 -23.10 -1.27 7.65
CA ASN A 92 -24.49 -0.97 7.96
C ASN A 92 -25.40 -1.21 6.77
N SER A 93 -26.56 -1.82 7.04
CA SER A 93 -27.67 -2.01 6.10
C SER A 93 -27.15 -2.76 4.86
N TYR A 94 -27.80 -2.54 3.71
CA TYR A 94 -27.41 -3.22 2.48
C TYR A 94 -26.02 -2.84 2.01
N SER A 95 -25.50 -1.68 2.43
CA SER A 95 -24.13 -1.30 2.12
C SER A 95 -23.18 -2.33 2.70
N PHE A 96 -22.53 -3.11 1.84
CA PHE A 96 -21.89 -4.34 2.29
C PHE A 96 -20.78 -4.13 3.30
N TRP A 97 -19.62 -3.70 2.83
CA TRP A 97 -18.41 -3.56 3.66
C TRP A 97 -17.40 -2.70 2.92
N THR A 98 -17.09 -1.51 3.43
CA THR A 98 -16.18 -0.60 2.74
C THR A 98 -15.21 0.02 3.73
N PHE A 99 -13.93 -0.01 3.39
CA PHE A 99 -12.88 0.58 4.21
C PHE A 99 -12.49 1.94 3.66
N GLY A 100 -11.88 2.75 4.53
CA GLY A 100 -11.30 4.01 4.12
C GLY A 100 -9.91 3.83 3.56
N GLN A 101 -9.32 4.94 3.10
CA GLN A 101 -7.95 4.90 2.62
C GLN A 101 -6.96 4.69 3.75
N GLY A 102 -7.36 4.92 4.99
CA GLY A 102 -6.48 4.68 6.12
C GLY A 102 -5.67 5.91 6.50
N THR A 103 -5.33 5.98 7.78
CA THR A 103 -4.51 7.06 8.32
C THR A 103 -3.26 6.46 8.94
N LYS A 104 -2.10 6.83 8.42
CA LYS A 104 -0.83 6.32 8.91
C LYS A 104 -0.29 7.25 9.99
N VAL A 105 -0.04 6.70 11.18
CA VAL A 105 0.51 7.45 12.30
C VAL A 105 1.99 7.14 12.37
N GLU A 106 2.83 8.13 12.08
CA GLU A 106 4.27 7.99 12.04
C GLU A 106 4.91 8.84 13.12
N ILE A 107 6.20 8.58 13.36
CA ILE A 107 6.98 9.30 14.35
C ILE A 107 7.63 10.51 13.69
N LYS A 108 7.73 11.61 14.44
CA LYS A 108 8.22 12.86 13.90
C LYS A 108 9.72 12.76 13.57
N ARG A 109 10.21 13.80 12.88
CA ARG A 109 11.61 13.88 12.47
C ARG A 109 12.05 12.66 11.67
N ALA A 112 15.61 14.93 9.19
CA ALA A 112 14.53 15.81 9.62
C ALA A 112 14.13 16.77 8.51
N ALA A 113 15.13 17.40 7.89
CA ALA A 113 14.94 18.45 6.91
C ALA A 113 14.06 17.98 5.75
N PRO A 114 12.86 18.54 5.60
CA PRO A 114 12.00 18.16 4.46
C PRO A 114 12.58 18.71 3.17
N SER A 115 12.88 17.79 2.24
CA SER A 115 13.44 18.17 0.95
C SER A 115 12.71 17.41 -0.16
N VAL A 116 12.67 18.02 -1.34
CA VAL A 116 12.03 17.44 -2.51
C VAL A 116 13.01 17.50 -3.68
N PHE A 117 13.17 16.36 -4.36
CA PHE A 117 14.05 16.24 -5.51
C PHE A 117 13.23 15.74 -6.69
N ILE A 118 13.68 16.10 -7.90
CA ILE A 118 13.10 15.58 -9.13
C ILE A 118 14.23 15.15 -10.05
N PHE A 119 14.10 13.96 -10.63
CA PHE A 119 15.14 13.39 -11.47
C PHE A 119 14.63 13.27 -12.90
N PRO A 120 15.26 13.93 -13.87
CA PRO A 120 14.88 13.74 -15.27
C PRO A 120 15.18 12.32 -15.71
N PRO A 121 14.47 11.82 -16.72
CA PRO A 121 14.77 10.48 -17.24
C PRO A 121 16.21 10.39 -17.71
N SER A 122 16.85 9.27 -17.40
CA SER A 122 18.25 9.08 -17.74
C SER A 122 18.41 8.91 -19.24
N ASP A 123 19.60 9.27 -19.75
CA ASP A 123 19.88 9.11 -21.17
C ASP A 123 19.84 7.65 -21.59
N GLU A 124 20.25 6.75 -20.69
CA GLU A 124 20.17 5.32 -20.98
C GLU A 124 18.73 4.89 -21.20
N GLN A 125 17.82 5.37 -20.35
CA GLN A 125 16.41 5.01 -20.50
C GLN A 125 15.80 5.60 -21.76
N LEU A 126 16.25 6.79 -22.16
CA LEU A 126 15.75 7.39 -23.40
C LEU A 126 16.10 6.55 -24.61
N LYS A 127 17.27 5.89 -24.59
CA LYS A 127 17.59 4.94 -25.66
C LYS A 127 16.66 3.73 -25.62
N SER A 128 16.22 3.32 -24.42
CA SER A 128 15.30 2.21 -24.28
C SER A 128 13.89 2.54 -24.75
N GLY A 129 13.61 3.81 -25.05
CA GLY A 129 12.27 4.22 -25.44
C GLY A 129 11.35 4.58 -24.30
N THR A 130 11.85 4.55 -23.06
CA THR A 130 11.07 4.89 -21.89
C THR A 130 11.64 6.15 -21.23
N ALA A 131 10.76 6.93 -20.62
CA ALA A 131 11.13 8.16 -19.92
C ALA A 131 10.42 8.16 -18.57
N SER A 132 11.18 7.97 -17.49
CA SER A 132 10.64 7.93 -16.14
C SER A 132 11.19 9.14 -15.38
N VAL A 133 10.29 10.04 -15.00
CA VAL A 133 10.63 11.17 -14.14
C VAL A 133 10.27 10.77 -12.71
N VAL A 134 11.26 10.78 -11.82
CA VAL A 134 11.10 10.33 -10.45
C VAL A 134 11.15 11.54 -9.53
N CYS A 135 10.12 11.70 -8.72
CA CYS A 135 10.03 12.78 -7.74
C CYS A 135 10.23 12.19 -6.35
N LEU A 136 11.25 12.68 -5.64
CA LEU A 136 11.66 12.15 -4.36
C LEU A 136 11.22 13.10 -3.24
N LEU A 137 10.57 12.54 -2.22
CA LEU A 137 10.19 13.26 -1.02
C LEU A 137 10.92 12.63 0.15
N ASN A 138 11.62 13.46 0.94
CA ASN A 138 12.42 12.97 2.06
C ASN A 138 11.96 13.63 3.35
N ASN A 139 11.63 12.80 4.34
CA ASN A 139 11.22 13.27 5.68
C ASN A 139 10.09 14.28 5.58
N PHE A 140 9.13 13.99 4.68
CA PHE A 140 8.12 14.96 4.30
C PHE A 140 6.98 14.26 3.56
N TYR A 141 5.74 14.51 3.97
CA TYR A 141 4.62 13.74 3.44
C TYR A 141 3.58 14.64 2.80
N PRO A 142 2.94 14.18 1.72
CA PRO A 142 1.83 14.93 1.13
C PRO A 142 0.53 14.71 1.87
N ARG A 143 -0.57 15.24 1.33
CA ARG A 143 -1.90 15.08 1.92
C ARG A 143 -2.77 14.14 1.08
N GLU A 144 -2.17 13.08 0.57
CA GLU A 144 -2.92 12.08 -0.20
C GLU A 144 -2.29 10.69 -0.04
N VAL A 147 1.11 14.05 -3.90
CA VAL A 147 2.06 14.56 -4.88
C VAL A 147 1.43 14.60 -6.27
N GLN A 148 1.40 15.80 -6.85
CA GLN A 148 0.84 16.04 -8.16
C GLN A 148 1.94 16.10 -9.22
N TRP A 149 1.55 15.85 -10.47
CA TRP A 149 2.44 15.96 -11.60
C TRP A 149 1.86 16.95 -12.61
N LYS A 150 2.72 17.82 -13.15
CA LYS A 150 2.33 18.78 -14.16
C LYS A 150 3.37 18.78 -15.27
N VAL A 151 2.94 18.49 -16.49
CA VAL A 151 3.81 18.46 -17.66
C VAL A 151 3.38 19.61 -18.57
N ASP A 152 4.29 20.57 -18.79
CA ASP A 152 3.99 21.80 -19.52
C ASP A 152 2.80 22.52 -18.91
N ASN A 153 2.77 22.58 -17.57
CA ASN A 153 1.68 23.18 -16.81
C ASN A 153 0.35 22.52 -17.15
N ALA A 154 0.32 21.19 -17.01
CA ALA A 154 -0.88 20.42 -17.27
C ALA A 154 -0.92 19.25 -16.30
N LEU A 155 -1.95 19.20 -15.46
CA LEU A 155 -2.06 18.15 -14.45
C LEU A 155 -2.18 16.79 -15.11
N GLN A 156 -1.41 15.83 -14.59
CA GLN A 156 -1.39 14.47 -15.11
C GLN A 156 -2.24 13.56 -14.23
N SER A 157 -2.61 12.40 -14.79
CA SER A 157 -3.41 11.43 -14.07
C SER A 157 -3.29 10.08 -14.73
N GLY A 158 -3.09 9.03 -13.92
CA GLY A 158 -3.02 7.68 -14.40
C GLY A 158 -1.62 7.19 -14.75
N ASN A 159 -0.77 8.08 -15.26
CA ASN A 159 0.59 7.73 -15.66
C ASN A 159 1.59 7.85 -14.53
N SER A 160 1.16 8.24 -13.33
CA SER A 160 2.03 8.36 -12.17
C SER A 160 1.78 7.20 -11.20
N GLN A 161 2.85 6.77 -10.55
CA GLN A 161 2.77 5.68 -9.58
C GLN A 161 3.60 6.06 -8.36
N GLU A 162 3.02 5.91 -7.17
CA GLU A 162 3.61 6.40 -5.93
C GLU A 162 3.93 5.24 -4.99
N SER A 163 5.01 5.40 -4.22
CA SER A 163 5.44 4.42 -3.25
C SER A 163 6.04 5.15 -2.06
N VAL A 164 6.06 4.47 -0.91
CA VAL A 164 6.56 5.05 0.33
C VAL A 164 7.37 3.99 1.07
N THR A 165 8.49 4.43 1.66
CA THR A 165 9.31 3.55 2.49
C THR A 165 8.68 3.44 3.87
N GLU A 166 9.40 2.81 4.80
CA GLU A 166 8.95 2.68 6.18
C GLU A 166 10.08 3.05 7.12
N GLN A 167 9.73 3.69 8.23
CA GLN A 167 10.71 4.02 9.25
C GLN A 167 11.17 2.77 9.96
N ASP A 168 12.40 2.82 10.48
CA ASP A 168 13.02 1.67 11.14
C ASP A 168 13.83 2.16 12.34
N SER A 169 14.42 1.21 13.06
CA SER A 169 15.26 1.55 14.21
C SER A 169 16.54 2.29 13.80
N LYS A 170 16.93 2.20 12.53
CA LYS A 170 18.09 2.94 12.06
C LYS A 170 17.87 4.44 12.21
N ASP A 171 16.70 4.94 11.81
CA ASP A 171 16.36 6.34 11.89
C ASP A 171 14.89 6.51 11.57
N SER A 172 14.32 7.63 12.01
CA SER A 172 12.93 7.96 11.73
C SER A 172 12.74 8.55 10.34
N THR A 173 13.74 8.44 9.47
CA THR A 173 13.64 8.99 8.13
C THR A 173 12.75 8.10 7.27
N TYR A 174 11.84 8.74 6.54
CA TYR A 174 10.94 8.07 5.60
C TYR A 174 11.03 8.80 4.27
N SER A 175 10.49 8.17 3.22
CA SER A 175 10.55 8.78 1.90
C SER A 175 9.35 8.33 1.08
N LEU A 176 8.99 9.17 0.10
CA LEU A 176 7.90 8.88 -0.83
C LEU A 176 8.39 9.23 -2.23
N SER A 177 8.16 8.32 -3.18
CA SER A 177 8.60 8.51 -4.57
C SER A 177 7.40 8.38 -5.48
N SER A 178 7.18 9.40 -6.31
CA SER A 178 6.17 9.37 -7.35
C SER A 178 6.89 9.35 -8.70
N THR A 179 6.60 8.32 -9.50
CA THR A 179 7.29 8.11 -10.77
C THR A 179 6.30 8.32 -11.90
N LEU A 180 6.64 9.22 -12.82
CA LEU A 180 5.84 9.49 -14.01
C LEU A 180 6.45 8.73 -15.18
N THR A 181 5.75 7.71 -15.66
CA THR A 181 6.24 6.86 -16.74
C THR A 181 5.61 7.30 -18.05
N LEU A 182 6.44 7.73 -19.00
CA LEU A 182 5.99 8.15 -20.32
C LEU A 182 6.92 7.54 -21.36
N SER A 183 6.42 7.45 -22.59
CA SER A 183 7.26 6.96 -23.67
C SER A 183 8.22 8.04 -24.14
N LYS A 184 9.26 7.61 -24.86
CA LYS A 184 10.23 8.57 -25.42
C LYS A 184 9.56 9.50 -26.41
N ALA A 185 8.64 8.98 -27.24
CA ALA A 185 7.94 9.81 -28.20
C ALA A 185 7.09 10.87 -27.49
N ASP A 186 6.44 10.49 -26.39
CA ASP A 186 5.61 11.40 -25.62
C ASP A 186 6.41 12.22 -24.62
N TYR A 187 7.73 12.08 -24.62
CA TYR A 187 8.61 12.86 -23.76
C TYR A 187 9.36 13.96 -24.49
N GLU A 188 9.69 13.76 -25.76
CA GLU A 188 10.30 14.81 -26.57
C GLU A 188 9.31 15.89 -26.97
N LYS A 189 8.02 15.67 -26.75
CA LYS A 189 6.99 16.63 -27.13
C LYS A 189 6.68 17.64 -26.03
N HIS A 190 7.32 17.52 -24.87
CA HIS A 190 7.09 18.42 -23.75
C HIS A 190 8.43 18.88 -23.20
N LYS A 191 8.44 20.07 -22.61
CA LYS A 191 9.67 20.68 -22.13
C LYS A 191 9.72 20.83 -20.61
N VAL A 192 8.70 21.43 -20.01
CA VAL A 192 8.70 21.70 -18.57
C VAL A 192 8.04 20.53 -17.86
N TYR A 193 8.80 19.85 -17.00
CA TYR A 193 8.28 18.79 -16.16
C TYR A 193 8.39 19.21 -14.71
N ALA A 194 7.27 19.18 -13.99
CA ALA A 194 7.19 19.71 -12.64
C ALA A 194 6.52 18.70 -11.71
N CYS A 195 6.87 18.79 -10.43
CA CYS A 195 6.34 17.91 -9.39
C CYS A 195 5.96 18.79 -8.20
N GLU A 196 4.67 18.95 -7.96
CA GLU A 196 4.16 19.81 -6.89
C GLU A 196 3.61 18.95 -5.77
N VAL A 197 4.07 19.20 -4.55
CA VAL A 197 3.62 18.46 -3.37
C VAL A 197 3.11 19.45 -2.35
N THR A 198 1.82 19.38 -2.04
CA THR A 198 1.18 20.26 -1.06
C THR A 198 1.11 19.55 0.29
N HIS A 199 1.60 20.24 1.33
CA HIS A 199 1.67 19.68 2.68
C HIS A 199 0.74 20.35 3.67
N GLN A 200 0.84 21.67 3.79
CA GLN A 200 0.11 22.45 4.79
C GLN A 200 -0.14 23.83 4.21
N GLY A 201 -0.49 24.78 5.08
CA GLY A 201 -0.58 26.17 4.68
C GLY A 201 0.50 27.05 5.30
N SER A 204 1.24 25.53 1.24
CA SER A 204 2.65 25.18 1.28
C SER A 204 3.03 24.08 0.27
N PRO A 205 2.77 24.31 -1.04
CA PRO A 205 3.25 23.38 -2.05
C PRO A 205 4.63 23.75 -2.58
N VAL A 206 5.54 22.78 -2.61
CA VAL A 206 6.84 22.94 -3.25
C VAL A 206 6.80 22.27 -4.61
N THR A 207 7.26 22.98 -5.63
CA THR A 207 7.14 22.53 -7.02
C THR A 207 8.53 22.50 -7.65
N LYS A 208 9.23 21.38 -7.48
CA LYS A 208 10.50 21.15 -8.15
C LYS A 208 10.23 20.81 -9.61
N SER A 209 10.96 21.46 -10.52
CA SER A 209 10.75 21.28 -11.94
C SER A 209 12.09 21.21 -12.65
N PHE A 210 12.04 21.12 -13.98
CA PHE A 210 13.23 21.17 -14.83
C PHE A 210 12.76 21.28 -16.27
N ASN A 211 13.60 21.90 -17.09
CA ASN A 211 13.37 21.97 -18.53
C ASN A 211 14.18 20.87 -19.21
N ARG A 212 13.57 20.20 -20.19
CA ARG A 212 14.21 19.07 -20.84
C ARG A 212 15.51 19.50 -21.50
N GLY A 213 16.54 18.65 -21.37
CA GLY A 213 17.87 19.00 -21.84
C GLY A 213 18.70 19.64 -20.75
N GLU A 214 18.27 20.81 -20.29
CA GLU A 214 18.93 21.50 -19.20
C GLU A 214 18.02 22.57 -18.59
N GLN B 1 -6.94 -20.36 21.79
CA GLN B 1 -6.36 -19.58 20.70
C GLN B 1 -7.09 -19.83 19.39
N VAL B 2 -7.01 -18.84 18.48
CA VAL B 2 -7.73 -18.88 17.22
C VAL B 2 -6.81 -18.33 16.13
N GLN B 3 -6.79 -19.00 14.98
CA GLN B 3 -5.89 -18.60 13.89
C GLN B 3 -6.50 -18.98 12.54
N LEU B 4 -6.02 -18.29 11.50
CA LEU B 4 -6.35 -18.59 10.11
C LEU B 4 -5.07 -18.59 9.28
N VAL B 5 -4.94 -19.56 8.39
CA VAL B 5 -3.76 -19.70 7.54
C VAL B 5 -4.22 -19.84 6.09
N GLU B 6 -3.69 -18.97 5.23
CA GLU B 6 -4.01 -19.00 3.81
C GLU B 6 -2.96 -19.80 3.03
N SER B 7 -3.34 -20.20 1.82
CA SER B 7 -2.44 -20.97 0.95
C SER B 7 -2.98 -20.90 -0.47
N GLY B 8 -2.15 -21.35 -1.41
CA GLY B 8 -2.52 -21.42 -2.81
C GLY B 8 -2.19 -20.20 -3.64
N GLY B 9 -1.65 -19.14 -3.04
CA GLY B 9 -1.33 -17.95 -3.79
C GLY B 9 -0.08 -18.12 -4.63
N GLY B 10 0.10 -17.20 -5.57
CA GLY B 10 1.25 -17.23 -6.46
C GLY B 10 1.00 -16.37 -7.69
N VAL B 11 1.83 -16.57 -8.69
CA VAL B 11 1.74 -15.83 -9.95
C VAL B 11 0.85 -16.60 -10.90
N VAL B 12 -0.14 -15.93 -11.47
CA VAL B 12 -1.13 -16.54 -12.36
C VAL B 12 -1.21 -15.72 -13.64
N GLN B 13 -1.28 -16.43 -14.77
CA GLN B 13 -1.46 -15.75 -16.04
C GLN B 13 -2.82 -15.07 -16.09
N PRO B 14 -2.93 -13.90 -16.73
CA PRO B 14 -4.23 -13.24 -16.81
C PRO B 14 -5.25 -14.07 -17.58
N GLY B 15 -6.50 -14.04 -17.12
CA GLY B 15 -7.56 -14.81 -17.70
C GLY B 15 -7.66 -16.24 -17.21
N ARG B 16 -6.66 -16.73 -16.47
CA ARG B 16 -6.65 -18.09 -15.98
C ARG B 16 -7.37 -18.15 -14.62
N SER B 17 -7.34 -19.31 -13.99
CA SER B 17 -8.04 -19.52 -12.72
C SER B 17 -7.04 -19.85 -11.62
N LEU B 18 -7.40 -19.48 -10.40
CA LEU B 18 -6.57 -19.74 -9.23
C LEU B 18 -7.48 -19.80 -8.00
N ARG B 19 -7.39 -20.89 -7.25
CA ARG B 19 -8.22 -21.10 -6.07
C ARG B 19 -7.37 -20.94 -4.81
N LEU B 20 -7.85 -20.11 -3.90
CA LEU B 20 -7.16 -19.84 -2.64
C LEU B 20 -7.86 -20.59 -1.50
N SER B 21 -7.06 -20.99 -0.51
CA SER B 21 -7.53 -21.79 0.60
C SER B 21 -7.29 -21.06 1.91
N CYS B 22 -8.04 -21.46 2.94
CA CYS B 22 -7.95 -20.86 4.27
C CYS B 22 -8.23 -21.95 5.29
N ALA B 23 -7.23 -22.25 6.12
CA ALA B 23 -7.34 -23.26 7.16
C ALA B 23 -7.70 -22.61 8.48
N ALA B 24 -8.73 -23.13 9.14
CA ALA B 24 -9.23 -22.60 10.40
C ALA B 24 -8.90 -23.55 11.54
N SER B 25 -8.72 -22.97 12.73
CA SER B 25 -8.40 -23.76 13.91
C SER B 25 -8.82 -22.98 15.14
N GLY B 26 -8.95 -23.70 16.25
CA GLY B 26 -9.30 -23.08 17.53
C GLY B 26 -10.77 -22.77 17.75
N PHE B 27 -11.41 -22.15 16.77
CA PHE B 27 -12.82 -21.78 16.87
C PHE B 27 -13.68 -22.71 16.05
N ALA B 28 -14.98 -22.72 16.36
CA ALA B 28 -15.96 -23.51 15.61
C ALA B 28 -16.18 -22.84 14.27
N PHE B 29 -15.61 -23.44 13.21
CA PHE B 29 -15.73 -22.84 11.88
C PHE B 29 -17.18 -22.81 11.40
N ASN B 30 -17.92 -23.88 11.67
CA ASN B 30 -19.29 -23.99 11.18
C ASN B 30 -20.23 -22.97 11.80
N THR B 31 -19.85 -22.36 12.91
CA THR B 31 -20.70 -21.40 13.60
C THR B 31 -20.40 -19.95 13.26
N TYR B 32 -19.46 -19.70 12.35
CA TYR B 32 -19.03 -18.35 12.01
C TYR B 32 -19.24 -18.07 10.52
N GLY B 33 -19.52 -16.80 10.21
CA GLY B 33 -19.58 -16.36 8.84
C GLY B 33 -18.21 -15.85 8.40
N MET B 34 -17.80 -16.24 7.20
CA MET B 34 -16.47 -15.96 6.71
C MET B 34 -16.49 -14.90 5.61
N HIS B 35 -15.31 -14.41 5.27
CA HIS B 35 -15.13 -13.33 4.31
C HIS B 35 -13.84 -13.53 3.54
N TRP B 36 -13.75 -12.85 2.40
CA TRP B 36 -12.49 -12.66 1.69
C TRP B 36 -12.29 -11.17 1.48
N VAL B 37 -11.18 -10.64 1.97
CA VAL B 37 -10.84 -9.23 1.82
C VAL B 37 -9.41 -9.14 1.31
N ARG B 38 -9.26 -8.54 0.13
CA ARG B 38 -7.94 -8.34 -0.46
C ARG B 38 -7.45 -6.92 -0.20
N GLN B 39 -6.18 -6.69 -0.53
CA GLN B 39 -5.58 -5.38 -0.25
C GLN B 39 -4.42 -5.14 -1.20
N THR B 40 -4.38 -3.95 -1.79
CA THR B 40 -3.25 -3.47 -2.56
C THR B 40 -2.75 -2.17 -1.97
N PRO B 41 -1.44 -1.98 -1.83
CA PRO B 41 -0.94 -0.74 -1.21
C PRO B 41 -1.37 0.52 -1.95
N GLY B 42 -1.67 0.43 -3.25
CA GLY B 42 -2.08 1.60 -4.00
C GLY B 42 -3.52 2.03 -3.78
N LYS B 43 -4.38 1.12 -3.31
CA LYS B 43 -5.80 1.43 -3.14
C LYS B 43 -6.38 0.99 -1.81
N GLY B 44 -5.57 0.42 -0.91
CA GLY B 44 -6.08 -0.01 0.38
C GLY B 44 -6.79 -1.35 0.32
N LEU B 45 -7.64 -1.57 1.33
CA LEU B 45 -8.38 -2.82 1.44
C LEU B 45 -9.65 -2.78 0.61
N GLU B 46 -10.18 -3.96 0.30
CA GLU B 46 -11.39 -4.08 -0.50
C GLU B 46 -12.06 -5.40 -0.19
N TRP B 47 -13.33 -5.34 0.22
CA TRP B 47 -14.10 -6.56 0.46
C TRP B 47 -14.39 -7.26 -0.86
N VAL B 48 -14.29 -8.59 -0.83
CA VAL B 48 -14.49 -9.42 -2.02
C VAL B 48 -15.78 -10.21 -1.94
N ALA B 49 -15.93 -11.06 -0.92
CA ALA B 49 -17.09 -11.93 -0.84
C ALA B 49 -17.35 -12.31 0.62
N ILE B 50 -18.59 -12.75 0.87
CA ILE B 50 -18.98 -13.31 2.16
C ILE B 50 -19.79 -14.58 1.90
N ILE B 51 -19.60 -15.58 2.76
CA ILE B 51 -20.39 -16.80 2.73
C ILE B 51 -20.99 -17.01 4.11
N TRP B 52 -22.26 -17.41 4.14
CA TRP B 52 -22.94 -17.64 5.40
C TRP B 52 -22.36 -18.88 6.09
N TYR B 53 -22.66 -18.99 7.39
CA TYR B 53 -22.12 -20.10 8.18
C TYR B 53 -22.60 -21.45 7.65
N ASP B 54 -23.82 -21.51 7.15
CA ASP B 54 -24.37 -22.71 6.55
C ASP B 54 -24.21 -22.74 5.03
N GLY B 55 -23.59 -21.72 4.44
CA GLY B 55 -23.43 -21.67 3.00
C GLY B 55 -24.68 -21.33 2.23
N SER B 56 -25.65 -20.68 2.87
CA SER B 56 -26.92 -20.37 2.20
C SER B 56 -26.79 -19.15 1.30
N GLN B 57 -26.38 -18.02 1.86
CA GLN B 57 -26.32 -16.75 1.15
C GLN B 57 -24.87 -16.40 0.83
N LYS B 58 -24.59 -16.13 -0.45
CA LYS B 58 -23.25 -15.76 -0.90
C LYS B 58 -23.34 -14.48 -1.71
N TYR B 59 -22.46 -13.53 -1.42
CA TYR B 59 -22.46 -12.23 -2.07
C TYR B 59 -21.05 -11.88 -2.53
N TYR B 60 -20.97 -11.06 -3.57
CA TYR B 60 -19.69 -10.67 -4.14
C TYR B 60 -19.71 -9.18 -4.46
N ALA B 61 -18.53 -8.57 -4.45
CA ALA B 61 -18.40 -7.18 -4.84
C ALA B 61 -18.66 -7.01 -6.33
N ASP B 62 -19.00 -5.79 -6.73
CA ASP B 62 -19.31 -5.53 -8.13
C ASP B 62 -18.09 -5.77 -9.03
N SER B 63 -16.90 -5.45 -8.53
CA SER B 63 -15.68 -5.66 -9.32
C SER B 63 -15.36 -7.14 -9.52
N VAL B 64 -15.90 -8.03 -8.67
CA VAL B 64 -15.64 -9.45 -8.75
C VAL B 64 -16.91 -10.26 -8.97
N GLN B 65 -18.03 -9.60 -9.29
CA GLN B 65 -19.30 -10.29 -9.41
C GLN B 65 -19.33 -11.15 -10.65
N GLY B 66 -19.63 -12.44 -10.46
CA GLY B 66 -19.72 -13.38 -11.56
C GLY B 66 -18.41 -14.08 -11.91
N ARG B 67 -17.28 -13.55 -11.46
CA ARG B 67 -15.98 -14.16 -11.75
C ARG B 67 -15.40 -14.92 -10.57
N PHE B 68 -15.82 -14.62 -9.35
CA PHE B 68 -15.34 -15.29 -8.16
C PHE B 68 -16.44 -16.18 -7.58
N ILE B 69 -16.04 -17.34 -7.07
CA ILE B 69 -16.96 -18.32 -6.49
C ILE B 69 -16.46 -18.63 -5.09
N ILE B 70 -17.19 -18.18 -4.07
CA ILE B 70 -16.81 -18.42 -2.69
C ILE B 70 -17.51 -19.68 -2.19
N SER B 71 -16.79 -20.48 -1.41
CA SER B 71 -17.32 -21.73 -0.87
C SER B 71 -16.58 -22.08 0.41
N ARG B 72 -17.18 -22.97 1.18
CA ARG B 72 -16.60 -23.39 2.45
C ARG B 72 -16.88 -24.88 2.66
N ASP B 73 -16.05 -25.49 3.52
CA ASP B 73 -16.16 -26.91 3.85
C ASP B 73 -16.16 -27.01 5.38
N ASN B 74 -17.34 -27.10 5.98
CA ASN B 74 -17.44 -27.19 7.43
C ASN B 74 -16.86 -28.48 7.97
N HIS B 75 -16.76 -29.53 7.15
CA HIS B 75 -16.15 -30.77 7.60
C HIS B 75 -14.67 -30.60 7.89
N LYS B 76 -13.93 -30.02 6.94
CA LYS B 76 -12.50 -29.82 7.08
C LYS B 76 -12.13 -28.45 7.64
N ASN B 77 -13.13 -27.61 7.94
CA ASN B 77 -12.90 -26.25 8.43
C ASN B 77 -11.99 -25.46 7.50
N THR B 78 -12.34 -25.45 6.21
CA THR B 78 -11.58 -24.75 5.19
C THR B 78 -12.48 -23.78 4.44
N LEU B 79 -11.96 -22.58 4.18
CA LEU B 79 -12.65 -21.58 3.38
C LEU B 79 -11.89 -21.39 2.09
N SER B 80 -12.59 -21.51 0.97
CA SER B 80 -11.96 -21.47 -0.34
C SER B 80 -12.59 -20.37 -1.20
N LEU B 81 -11.79 -19.88 -2.16
CA LEU B 81 -12.21 -18.81 -3.06
C LEU B 81 -11.72 -19.15 -4.46
N GLN B 82 -12.64 -19.51 -5.35
CA GLN B 82 -12.31 -19.81 -6.73
C GLN B 82 -12.34 -18.52 -7.54
N MET B 83 -11.19 -18.15 -8.10
CA MET B 83 -11.06 -16.92 -8.88
C MET B 83 -10.90 -17.29 -10.35
N ASN B 84 -11.78 -16.76 -11.20
CA ASN B 84 -11.79 -17.07 -12.62
C ASN B 84 -11.72 -15.78 -13.43
N GLY B 85 -11.06 -15.86 -14.58
CA GLY B 85 -10.88 -14.70 -15.44
C GLY B 85 -10.11 -13.61 -14.75
N LEU B 86 -8.99 -13.98 -14.12
CA LEU B 86 -8.25 -13.04 -13.29
C LEU B 86 -7.64 -11.93 -14.13
N ARG B 87 -7.96 -10.69 -13.78
CA ARG B 87 -7.37 -9.52 -14.42
C ARG B 87 -6.22 -8.99 -13.58
N ALA B 88 -5.48 -8.04 -14.15
CA ALA B 88 -4.30 -7.50 -13.47
C ALA B 88 -4.67 -6.79 -12.18
N GLU B 89 -5.86 -6.19 -12.12
CA GLU B 89 -6.28 -5.50 -10.91
C GLU B 89 -6.57 -6.45 -9.75
N ASP B 90 -6.75 -7.74 -10.04
CA ASP B 90 -6.94 -8.72 -8.97
C ASP B 90 -5.68 -8.93 -8.14
N THR B 91 -4.53 -8.42 -8.59
CA THR B 91 -3.28 -8.54 -7.84
C THR B 91 -3.40 -7.84 -6.50
N ALA B 92 -3.44 -8.62 -5.41
CA ALA B 92 -3.60 -8.07 -4.08
C ALA B 92 -3.28 -9.17 -3.07
N VAL B 93 -3.09 -8.77 -1.82
CA VAL B 93 -2.90 -9.70 -0.71
C VAL B 93 -4.28 -10.10 -0.22
N TYR B 94 -4.65 -11.35 -0.45
CA TYR B 94 -5.97 -11.86 -0.09
C TYR B 94 -5.95 -12.39 1.34
N PHE B 95 -6.89 -11.90 2.15
CA PHE B 95 -7.08 -12.36 3.52
C PHE B 95 -8.42 -13.08 3.64
N CYS B 96 -8.44 -14.18 4.37
CA CYS B 96 -9.70 -14.76 4.80
C CYS B 96 -10.02 -14.24 6.19
N VAL B 97 -11.23 -13.69 6.33
CA VAL B 97 -11.61 -12.91 7.50
C VAL B 97 -12.81 -13.55 8.16
N ARG B 98 -12.84 -13.53 9.50
CA ARG B 98 -13.95 -14.04 10.28
C ARG B 98 -14.69 -12.89 10.93
N VAL B 99 -16.02 -12.90 10.86
CA VAL B 99 -16.81 -11.89 11.55
C VAL B 99 -16.79 -12.15 13.04
N ARG B 100 -17.13 -11.12 13.81
CA ARG B 100 -17.26 -11.26 15.25
C ARG B 100 -18.59 -11.92 15.59
N PHE B 101 -18.58 -12.82 16.57
CA PHE B 101 -19.79 -13.53 16.95
C PHE B 101 -20.77 -12.56 17.59
N SER B 102 -21.81 -12.20 16.85
CA SER B 102 -22.84 -11.29 17.32
C SER B 102 -24.16 -12.03 17.47
N VAL B 103 -24.95 -11.60 18.45
CA VAL B 103 -26.29 -12.14 18.68
C VAL B 103 -27.29 -11.06 18.30
N GLY B 104 -28.13 -11.35 17.31
CA GLY B 104 -29.09 -10.38 16.84
C GLY B 104 -29.36 -10.53 15.35
N PRO B 105 -29.96 -9.50 14.76
CA PRO B 105 -30.29 -9.56 13.32
C PRO B 105 -29.16 -9.07 12.42
N HIS B 106 -28.20 -8.34 13.00
CA HIS B 106 -27.18 -7.66 12.24
C HIS B 106 -25.82 -8.33 12.45
N GLY B 107 -24.95 -8.23 11.45
CA GLY B 107 -23.61 -8.75 11.55
C GLY B 107 -22.73 -7.97 12.50
N SER B 108 -21.41 -8.15 12.38
CA SER B 108 -20.47 -7.49 13.28
C SER B 108 -19.22 -7.14 12.48
N ALA B 109 -18.16 -6.75 13.21
CA ALA B 109 -16.91 -6.33 12.60
C ALA B 109 -16.06 -7.55 12.25
N PHE B 110 -14.79 -7.31 11.90
CA PHE B 110 -13.86 -8.36 11.51
C PHE B 110 -12.87 -8.58 12.65
N ASP B 111 -13.06 -9.66 13.39
CA ASP B 111 -12.27 -9.93 14.59
C ASP B 111 -11.16 -10.96 14.37
N LEU B 112 -10.95 -11.41 13.13
CA LEU B 112 -9.96 -12.44 12.87
C LEU B 112 -9.46 -12.32 11.43
N TRP B 113 -8.13 -12.25 11.27
CA TRP B 113 -7.50 -12.13 9.98
C TRP B 113 -6.36 -13.13 9.87
N GLY B 114 -6.18 -13.70 8.68
CA GLY B 114 -5.03 -14.53 8.41
C GLY B 114 -3.82 -13.72 8.00
N GLN B 115 -2.67 -14.39 7.92
CA GLN B 115 -1.44 -13.70 7.55
C GLN B 115 -1.48 -13.15 6.14
N GLY B 116 -2.37 -13.67 5.29
CA GLY B 116 -2.50 -13.16 3.94
C GLY B 116 -1.73 -13.96 2.91
N THR B 117 -2.30 -14.10 1.72
CA THR B 117 -1.65 -14.77 0.61
C THR B 117 -1.54 -13.82 -0.57
N MET B 118 -0.40 -13.84 -1.25
CA MET B 118 -0.12 -12.90 -2.33
C MET B 118 -0.38 -13.58 -3.67
N VAL B 119 -1.21 -12.94 -4.50
CA VAL B 119 -1.45 -13.38 -5.87
C VAL B 119 -1.02 -12.26 -6.80
N ILE B 120 -0.33 -12.62 -7.88
CA ILE B 120 0.21 -11.67 -8.84
C ILE B 120 -0.31 -12.06 -10.21
N VAL B 121 -1.22 -11.27 -10.76
CA VAL B 121 -1.81 -11.54 -12.06
C VAL B 121 -1.01 -10.77 -13.11
N SER B 122 -0.21 -11.50 -13.88
CA SER B 122 0.61 -10.89 -14.92
C SER B 122 1.02 -11.95 -15.93
N SER B 123 1.12 -11.55 -17.19
CA SER B 123 1.57 -12.42 -18.26
C SER B 123 3.08 -12.42 -18.42
N ALA B 124 3.80 -11.67 -17.59
CA ALA B 124 5.24 -11.55 -17.75
C ALA B 124 5.95 -12.84 -17.37
N SER B 125 7.05 -13.12 -18.07
CA SER B 125 7.94 -14.22 -17.75
C SER B 125 9.10 -13.68 -16.92
N THR B 126 10.08 -14.53 -16.64
CA THR B 126 11.25 -14.10 -15.91
C THR B 126 12.05 -13.11 -16.75
N LYS B 127 12.36 -11.95 -16.17
CA LYS B 127 13.07 -10.90 -16.88
C LYS B 127 14.01 -10.18 -15.92
N GLY B 128 15.24 -9.95 -16.38
CA GLY B 128 16.21 -9.22 -15.60
C GLY B 128 15.90 -7.74 -15.54
N PRO B 129 16.30 -7.09 -14.45
CA PRO B 129 16.00 -5.66 -14.28
C PRO B 129 16.87 -4.77 -15.14
N SER B 130 16.31 -3.64 -15.53
CA SER B 130 17.03 -2.56 -16.20
C SER B 130 17.23 -1.45 -15.18
N VAL B 131 18.48 -1.22 -14.79
CA VAL B 131 18.81 -0.24 -13.75
C VAL B 131 19.30 1.03 -14.42
N PHE B 132 18.61 2.13 -14.14
CA PHE B 132 18.95 3.42 -14.72
C PHE B 132 19.38 4.40 -13.63
N PRO B 133 20.30 5.31 -13.93
CA PRO B 133 20.82 6.19 -12.89
C PRO B 133 19.91 7.37 -12.60
N LEU B 134 19.91 7.77 -11.33
CA LEU B 134 19.25 8.99 -10.88
C LEU B 134 20.38 9.93 -10.45
N ALA B 135 20.92 10.68 -11.41
CA ALA B 135 22.11 11.48 -11.17
C ALA B 135 21.78 12.68 -10.29
N PRO B 136 22.65 13.03 -9.34
CA PRO B 136 22.46 14.25 -8.56
C PRO B 136 22.90 15.48 -9.35
N SER B 137 22.25 16.62 -9.04
CA SER B 137 22.59 17.88 -9.70
C SER B 137 22.27 19.01 -8.72
N SER B 138 23.29 19.52 -8.04
CA SER B 138 23.10 20.54 -7.01
C SER B 138 22.40 21.78 -7.54
N THR B 141 21.49 18.78 -3.51
CA THR B 141 20.82 19.85 -4.23
C THR B 141 20.02 20.74 -3.29
N SER B 142 19.43 20.14 -2.26
CA SER B 142 18.68 20.86 -1.25
C SER B 142 18.56 19.99 -0.02
N GLY B 143 18.05 20.59 1.07
CA GLY B 143 17.93 19.90 2.33
C GLY B 143 19.22 19.73 3.08
N GLY B 144 20.29 20.40 2.66
CA GLY B 144 21.59 20.29 3.29
C GLY B 144 22.52 19.28 2.64
N THR B 145 21.99 18.40 1.80
CA THR B 145 22.78 17.36 1.15
C THR B 145 22.29 17.23 -0.29
N ALA B 146 22.75 16.19 -0.98
CA ALA B 146 22.36 15.89 -2.35
C ALA B 146 21.75 14.49 -2.41
N ALA B 147 20.91 14.27 -3.42
CA ALA B 147 20.19 13.01 -3.56
C ALA B 147 20.54 12.34 -4.88
N LEU B 148 20.73 11.03 -4.83
CA LEU B 148 20.99 10.22 -6.01
C LEU B 148 20.44 8.82 -5.76
N GLY B 149 20.24 8.07 -6.83
CA GLY B 149 19.66 6.75 -6.66
C GLY B 149 19.74 5.93 -7.92
N CYS B 150 19.12 4.75 -7.86
CA CYS B 150 19.02 3.83 -8.98
C CYS B 150 17.56 3.50 -9.23
N LEU B 151 17.22 3.31 -10.50
CA LEU B 151 15.85 3.03 -10.93
C LEU B 151 15.81 1.60 -11.47
N VAL B 152 15.45 0.67 -10.60
CA VAL B 152 15.27 -0.73 -10.99
C VAL B 152 13.91 -0.84 -11.69
N LYS B 153 13.92 -1.02 -13.01
CA LYS B 153 12.69 -1.00 -13.79
C LYS B 153 12.61 -2.24 -14.66
N ASP B 154 11.37 -2.72 -14.86
CA ASP B 154 11.05 -3.81 -15.78
C ASP B 154 11.80 -5.09 -15.41
N TYR B 155 11.45 -5.64 -14.25
CA TYR B 155 11.93 -6.93 -13.82
C TYR B 155 10.76 -7.76 -13.31
N PHE B 156 10.89 -9.08 -13.43
CA PHE B 156 9.83 -9.98 -13.00
C PHE B 156 10.42 -11.37 -12.78
N PRO B 157 10.03 -12.07 -11.73
CA PRO B 157 9.11 -11.67 -10.65
C PRO B 157 9.86 -11.07 -9.47
N GLU B 158 9.19 -10.90 -8.33
CA GLU B 158 9.87 -10.43 -7.14
C GLU B 158 10.71 -11.55 -6.54
N PRO B 159 11.71 -11.21 -5.70
CA PRO B 159 12.18 -9.87 -5.32
C PRO B 159 13.53 -9.51 -5.90
N VAL B 160 13.98 -8.28 -5.67
CA VAL B 160 15.34 -7.85 -5.99
C VAL B 160 15.92 -7.19 -4.75
N THR B 161 17.19 -7.48 -4.47
CA THR B 161 17.90 -6.90 -3.34
C THR B 161 18.82 -5.78 -3.84
N VAL B 162 18.74 -4.63 -3.19
CA VAL B 162 19.53 -3.46 -3.57
C VAL B 162 20.44 -3.08 -2.42
N SER B 163 21.73 -2.91 -2.72
CA SER B 163 22.70 -2.37 -1.80
C SER B 163 23.45 -1.24 -2.49
N TRP B 164 24.21 -0.48 -1.73
CA TRP B 164 24.98 0.63 -2.27
C TRP B 164 26.43 0.53 -1.85
N ASN B 165 27.33 0.75 -2.82
CA ASN B 165 28.77 0.64 -2.61
C ASN B 165 29.15 -0.70 -1.99
N SER B 166 28.56 -1.77 -2.54
CA SER B 166 28.82 -3.14 -2.11
C SER B 166 28.53 -3.32 -0.62
N GLY B 167 27.44 -2.71 -0.16
CA GLY B 167 27.02 -2.85 1.22
C GLY B 167 27.63 -1.86 2.19
N ALA B 168 28.58 -1.04 1.75
CA ALA B 168 29.17 -0.04 2.64
C ALA B 168 28.17 1.08 2.93
N LEU B 169 27.51 1.59 1.90
CA LEU B 169 26.59 2.71 2.04
C LEU B 169 25.22 2.18 2.48
N THR B 170 24.84 2.49 3.71
CA THR B 170 23.52 2.10 4.22
C THR B 170 22.75 3.23 4.90
N SER B 171 23.42 4.28 5.37
CA SER B 171 22.72 5.41 5.97
C SER B 171 22.17 6.31 4.86
N GLY B 172 20.87 6.60 4.94
CA GLY B 172 20.20 7.35 3.91
C GLY B 172 19.69 6.54 2.74
N VAL B 173 19.98 5.25 2.70
CA VAL B 173 19.50 4.39 1.63
C VAL B 173 18.03 4.08 1.87
N HIS B 174 17.18 4.44 0.91
CA HIS B 174 15.74 4.24 0.99
C HIS B 174 15.32 3.43 -0.23
N THR B 175 15.34 2.11 -0.10
CA THR B 175 14.89 1.22 -1.16
C THR B 175 13.36 1.15 -1.13
N PHE B 176 12.72 1.82 -2.08
CA PHE B 176 11.27 1.87 -2.11
C PHE B 176 10.70 0.49 -2.43
N PRO B 177 9.54 0.16 -1.85
CA PRO B 177 8.86 -1.09 -2.23
C PRO B 177 8.49 -1.08 -3.70
N ALA B 178 8.52 -2.26 -4.31
CA ALA B 178 8.24 -2.37 -5.73
C ALA B 178 6.76 -2.14 -6.02
N VAL B 179 6.48 -1.72 -7.25
CA VAL B 179 5.13 -1.49 -7.73
C VAL B 179 4.95 -2.27 -9.02
N LEU B 180 3.81 -2.97 -9.15
CA LEU B 180 3.54 -3.74 -10.35
C LEU B 180 2.99 -2.81 -11.43
N GLN B 181 3.79 -2.58 -12.47
CA GLN B 181 3.44 -1.64 -13.53
C GLN B 181 2.35 -2.22 -14.43
N SER B 182 1.78 -1.36 -15.27
CA SER B 182 0.77 -1.79 -16.23
C SER B 182 1.34 -2.76 -17.26
N SER B 183 2.66 -2.77 -17.46
CA SER B 183 3.29 -3.73 -18.35
C SER B 183 3.31 -5.14 -17.78
N GLY B 184 2.93 -5.32 -16.51
CA GLY B 184 3.03 -6.59 -15.84
C GLY B 184 4.34 -6.83 -15.14
N LEU B 185 5.31 -5.94 -15.28
CA LEU B 185 6.61 -6.06 -14.65
C LEU B 185 6.66 -5.22 -13.38
N TYR B 186 7.66 -5.49 -12.56
CA TYR B 186 7.89 -4.76 -11.32
C TYR B 186 8.90 -3.64 -11.54
N SER B 187 8.81 -2.63 -10.68
CA SER B 187 9.73 -1.50 -10.72
C SER B 187 9.83 -0.89 -9.33
N LEU B 188 11.03 -0.43 -8.98
CA LEU B 188 11.26 0.26 -7.72
C LEU B 188 12.44 1.21 -7.89
N SER B 189 12.54 2.16 -6.97
CA SER B 189 13.63 3.11 -6.93
C SER B 189 14.33 3.01 -5.58
N SER B 190 15.66 3.01 -5.60
CA SER B 190 16.46 3.01 -4.38
C SER B 190 17.32 4.27 -4.39
N VAL B 191 16.97 5.23 -3.53
CA VAL B 191 17.64 6.51 -3.46
C VAL B 191 18.43 6.60 -2.16
N VAL B 192 19.54 7.33 -2.20
CA VAL B 192 20.38 7.57 -1.04
C VAL B 192 20.78 9.03 -1.03
N THR B 193 20.66 9.67 0.12
CA THR B 193 21.07 11.06 0.29
C THR B 193 22.51 11.11 0.77
N VAL B 194 23.37 11.77 0.01
CA VAL B 194 24.80 11.82 0.30
C VAL B 194 25.19 13.28 0.41
N PRO B 195 26.27 13.59 1.13
CA PRO B 195 26.75 14.98 1.18
C PRO B 195 27.10 15.49 -0.21
N SER B 196 26.79 16.76 -0.46
CA SER B 196 27.06 17.36 -1.76
C SER B 196 28.54 17.46 -2.08
N SER B 197 29.39 17.47 -1.05
CA SER B 197 30.83 17.58 -1.29
C SER B 197 31.39 16.31 -1.92
N SER B 198 30.89 15.15 -1.51
CA SER B 198 31.43 13.87 -1.95
C SER B 198 30.93 13.42 -3.31
N LEU B 199 30.28 14.30 -4.08
CA LEU B 199 29.84 13.92 -5.41
C LEU B 199 31.02 13.64 -6.34
N GLY B 200 32.00 14.54 -6.36
CA GLY B 200 33.18 14.33 -7.17
C GLY B 200 34.27 13.51 -6.53
N THR B 201 34.17 13.25 -5.23
CA THR B 201 35.17 12.48 -4.50
C THR B 201 34.80 11.01 -4.40
N GLN B 202 33.64 10.71 -3.83
CA GLN B 202 33.21 9.33 -3.61
C GLN B 202 32.40 8.82 -4.80
N THR B 203 32.70 7.60 -5.21
CA THR B 203 31.92 6.93 -6.26
C THR B 203 30.73 6.23 -5.64
N TYR B 204 29.58 6.33 -6.31
CA TYR B 204 28.34 5.75 -5.82
C TYR B 204 27.86 4.72 -6.83
N ILE B 205 27.86 3.45 -6.42
CA ILE B 205 27.48 2.34 -7.28
C ILE B 205 26.44 1.50 -6.54
N CYS B 206 25.26 1.34 -7.13
CA CYS B 206 24.22 0.51 -6.55
C CYS B 206 24.39 -0.93 -7.06
N ASN B 207 23.92 -1.87 -6.25
CA ASN B 207 24.06 -3.30 -6.54
C ASN B 207 22.68 -3.93 -6.48
N VAL B 208 22.12 -4.25 -7.63
CA VAL B 208 20.79 -4.85 -7.74
C VAL B 208 20.96 -6.31 -8.14
N ASN B 209 20.43 -7.21 -7.33
CA ASN B 209 20.50 -8.64 -7.61
C ASN B 209 19.09 -9.19 -7.76
N HIS B 210 18.85 -9.87 -8.88
CA HIS B 210 17.56 -10.48 -9.19
C HIS B 210 17.79 -11.99 -9.24
N LYS B 211 17.65 -12.64 -8.09
CA LYS B 211 17.86 -14.09 -8.01
C LYS B 211 16.97 -14.89 -8.96
N PRO B 212 15.67 -14.59 -9.11
CA PRO B 212 14.86 -15.37 -10.07
C PRO B 212 15.42 -15.39 -11.49
N SER B 213 15.98 -14.27 -11.95
CA SER B 213 16.57 -14.20 -13.28
C SER B 213 18.07 -14.50 -13.26
N ASN B 214 18.65 -14.74 -12.09
CA ASN B 214 20.08 -14.99 -11.95
C ASN B 214 20.91 -13.85 -12.54
N THR B 215 20.44 -12.62 -12.34
CA THR B 215 21.08 -11.42 -12.89
C THR B 215 21.50 -10.51 -11.75
N LYS B 216 22.75 -10.06 -11.80
CA LYS B 216 23.28 -9.09 -10.83
C LYS B 216 23.77 -7.88 -11.60
N VAL B 217 23.02 -6.78 -11.52
CA VAL B 217 23.34 -5.55 -12.24
C VAL B 217 23.85 -4.53 -11.22
N ASP B 218 25.05 -4.03 -11.46
CA ASP B 218 25.59 -2.91 -10.70
C ASP B 218 25.56 -1.67 -11.59
N LYS B 219 25.40 -0.50 -10.96
CA LYS B 219 25.26 0.73 -11.72
C LYS B 219 25.94 1.87 -10.97
N LYS B 220 26.92 2.49 -11.60
CA LYS B 220 27.63 3.62 -11.00
C LYS B 220 26.90 4.90 -11.39
N VAL B 221 26.31 5.57 -10.40
CA VAL B 221 25.57 6.80 -10.61
C VAL B 221 26.52 7.97 -10.40
N GLU B 222 26.63 8.83 -11.41
CA GLU B 222 27.48 10.00 -11.35
C GLU B 222 26.72 11.22 -11.84
N PRO B 223 27.04 12.41 -11.32
CA PRO B 223 26.29 13.61 -11.70
C PRO B 223 26.46 13.93 -13.18
N LYS B 224 25.41 14.54 -13.74
CA LYS B 224 25.39 14.91 -15.16
C LYS B 224 25.78 16.39 -15.30
N SER B 225 26.65 16.66 -16.27
CA SER B 225 27.10 18.02 -16.53
C SER B 225 26.30 18.66 -17.66
N ASN C 7 -35.35 -10.04 -1.69
CA ASN C 7 -33.95 -10.09 -1.30
C ASN C 7 -33.71 -9.34 0.00
N PRO C 8 -33.31 -10.07 1.05
CA PRO C 8 -33.10 -9.44 2.36
C PRO C 8 -31.76 -8.74 2.47
N ASP C 9 -31.46 -8.24 3.66
CA ASP C 9 -30.22 -7.53 3.89
C ASP C 9 -29.04 -8.50 3.84
N PRO C 10 -28.00 -8.23 3.04
CA PRO C 10 -26.83 -9.10 3.03
C PRO C 10 -25.98 -8.98 4.29
N ASN C 11 -26.05 -7.86 4.99
CA ASN C 11 -25.31 -7.65 6.23
C ASN C 11 -26.00 -8.25 7.44
N ALA C 12 -27.04 -9.06 7.23
CA ALA C 12 -27.68 -9.74 8.34
C ALA C 12 -26.69 -10.69 9.01
N ASN C 13 -27.01 -11.05 10.25
CA ASN C 13 -26.16 -11.89 11.09
C ASN C 13 -25.76 -13.16 10.36
N PRO C 14 -24.48 -13.30 9.99
CA PRO C 14 -24.03 -14.51 9.27
C PRO C 14 -23.62 -15.66 10.17
N ASN C 15 -23.87 -15.58 11.47
CA ASN C 15 -23.47 -16.61 12.42
C ASN C 15 -24.67 -17.48 12.80
N VAL C 16 -24.43 -18.41 13.70
CA VAL C 16 -25.48 -19.31 14.16
C VAL C 16 -26.31 -18.66 15.26
#